data_3SKX
#
_entry.id   3SKX
#
_cell.length_a   36.052
_cell.length_b   62.682
_cell.length_c   106.059
_cell.angle_alpha   90.00
_cell.angle_beta   90.00
_cell.angle_gamma   90.00
#
_symmetry.space_group_name_H-M   'P 2 21 21'
#
loop_
_entity.id
_entity.type
_entity.pdbx_description
1 polymer 'Copper-exporting P-type ATPase B'
2 non-polymer 'ACETATE ION'
3 water water
#
_entity_poly.entity_id   1
_entity_poly.type   'polypeptide(L)'
_entity_poly.pdbx_seq_one_letter_code
;MRDRQAFERAKDLQAVIFDKTGTLTEGRFGVTDIVGFNHSEDELLQIAASLEARSEHPIAAAIVEEAEKRGFGLTEVEEF
RAIPGKGVEGIVNGRRYMVVSPGYIRELGIKTDESVEKLKQQGKTVVFILKNGEVSGVIALADRIRPESREAISKLKAIG
IKCMMLTGDNRFVAKWVAEELGLDDYFAEVLPHEKAEKVKEVQQKYVTAMVGDGVNDAPALAQADVGIAIGAGTDVAVET
ADIVLVRNDPRDVAAIVELSRKTYSKFHGLSAWSHPQFEK
;
_entity_poly.pdbx_strand_id   A
#
loop_
_chem_comp.id
_chem_comp.type
_chem_comp.name
_chem_comp.formula
ACT non-polymer 'ACETATE ION' 'C2 H3 O2 -1'
#
# COMPACT_ATOMS: atom_id res chain seq x y z
N GLN A 5 8.04 -3.45 -31.47
CA GLN A 5 8.66 -2.10 -31.55
C GLN A 5 8.45 -1.32 -30.26
N ALA A 6 8.16 -2.02 -29.17
CA ALA A 6 7.74 -1.38 -27.91
C ALA A 6 8.86 -0.59 -27.27
N PHE A 7 10.05 -1.20 -27.18
CA PHE A 7 11.21 -0.51 -26.65
C PHE A 7 11.49 0.75 -27.46
N GLU A 8 11.45 0.62 -28.78
CA GLU A 8 11.65 1.76 -29.68
C GLU A 8 10.67 2.91 -29.46
N ARG A 9 9.39 2.63 -29.29
N ARG A 9 9.40 2.59 -29.29
CA ARG A 9 8.42 3.73 -29.10
CA ARG A 9 8.33 3.56 -29.05
C ARG A 9 8.27 4.20 -27.65
C ARG A 9 8.43 4.28 -27.70
N ALA A 10 9.03 3.62 -26.72
CA ALA A 10 9.07 4.14 -25.34
C ALA A 10 9.60 5.57 -25.23
N LYS A 11 10.51 5.96 -26.11
CA LYS A 11 11.03 7.33 -26.14
C LYS A 11 9.94 8.41 -26.29
N ASP A 12 8.84 8.05 -26.96
CA ASP A 12 7.78 9.02 -27.28
C ASP A 12 6.71 9.07 -26.21
N LEU A 13 6.87 8.27 -25.16
CA LEU A 13 5.94 8.33 -24.04
C LEU A 13 5.91 9.71 -23.39
N GLN A 14 4.72 10.12 -22.97
CA GLN A 14 4.52 11.38 -22.27
C GLN A 14 3.89 11.22 -20.88
N ALA A 15 3.25 10.08 -20.64
CA ALA A 15 2.56 9.82 -19.37
C ALA A 15 2.72 8.35 -19.04
N VAL A 16 2.84 8.05 -17.75
CA VAL A 16 2.93 6.67 -17.29
C VAL A 16 1.90 6.51 -16.19
N ILE A 17 1.04 5.50 -16.32
CA ILE A 17 0.04 5.17 -15.32
C ILE A 17 0.46 3.88 -14.66
N PHE A 18 0.63 3.90 -13.34
CA PHE A 18 0.89 2.71 -12.57
C PHE A 18 -0.37 2.19 -11.93
N ASP A 19 -0.60 0.89 -12.01
CA ASP A 19 -1.56 0.27 -11.12
CA ASP A 19 -1.55 0.27 -11.12
C ASP A 19 -0.90 0.30 -9.74
N LYS A 20 -1.64 0.69 -8.72
CA LYS A 20 -1.02 0.89 -7.41
C LYS A 20 -0.53 -0.40 -6.74
N THR A 21 -1.47 -1.28 -6.45
CA THR A 21 -1.23 -2.34 -5.47
C THR A 21 -0.26 -3.35 -6.00
N GLY A 22 0.84 -3.52 -5.28
CA GLY A 22 1.89 -4.46 -5.67
C GLY A 22 2.96 -3.88 -6.56
N THR A 23 2.62 -2.79 -7.27
CA THR A 23 3.53 -2.14 -8.17
C THR A 23 4.22 -0.95 -7.49
N LEU A 24 3.43 0.05 -7.07
CA LEU A 24 3.97 1.18 -6.31
C LEU A 24 3.97 0.86 -4.82
N THR A 25 3.08 -0.03 -4.40
CA THR A 25 3.04 -0.46 -3.00
C THR A 25 3.42 -1.95 -2.88
N GLU A 26 3.64 -2.40 -1.64
CA GLU A 26 4.06 -3.78 -1.35
C GLU A 26 2.99 -4.84 -1.67
N GLY A 27 1.73 -4.44 -1.66
CA GLY A 27 0.59 -5.37 -1.81
C GLY A 27 0.30 -6.20 -0.58
N ARG A 28 0.65 -5.69 0.59
CA ARG A 28 0.32 -6.35 1.86
C ARG A 28 0.33 -5.28 2.92
N PHE A 29 -0.35 -5.55 4.01
CA PHE A 29 -0.37 -4.61 5.11
C PHE A 29 0.96 -4.57 5.84
N GLY A 30 1.34 -3.37 6.26
CA GLY A 30 2.48 -3.13 7.10
C GLY A 30 2.22 -1.98 8.06
N VAL A 31 2.86 -2.02 9.24
CA VAL A 31 2.74 -0.94 10.20
C VAL A 31 3.43 0.32 9.70
N THR A 32 2.69 1.43 9.69
CA THR A 32 3.23 2.73 9.34
C THR A 32 3.51 3.64 10.54
N ASP A 33 2.69 3.53 11.58
CA ASP A 33 2.80 4.41 12.73
C ASP A 33 2.45 3.66 14.00
N ILE A 34 3.13 4.03 15.08
CA ILE A 34 2.80 3.56 16.44
C ILE A 34 2.74 4.82 17.27
N VAL A 35 1.60 5.05 17.93
CA VAL A 35 1.38 6.31 18.64
C VAL A 35 0.94 5.96 20.05
N GLY A 36 1.78 6.30 21.01
CA GLY A 36 1.46 6.03 22.40
C GLY A 36 0.85 7.23 23.03
N PHE A 37 -0.13 7.01 23.90
CA PHE A 37 -0.74 8.05 24.69
C PHE A 37 -0.34 7.81 26.13
N ASN A 38 0.64 8.57 26.59
CA ASN A 38 1.37 8.24 27.80
C ASN A 38 1.54 6.75 27.93
N HIS A 39 2.30 6.21 26.98
CA HIS A 39 2.62 4.80 26.94
C HIS A 39 3.71 4.65 25.88
N SER A 40 4.79 3.93 26.16
CA SER A 40 5.90 3.85 25.21
C SER A 40 5.48 3.11 23.92
N GLU A 41 6.02 3.53 22.78
CA GLU A 41 5.67 2.91 21.50
C GLU A 41 6.19 1.49 21.39
N ASP A 42 7.43 1.28 21.86
CA ASP A 42 7.97 -0.07 21.83
C ASP A 42 7.14 -1.01 22.72
N GLU A 43 6.72 -0.54 23.89
N GLU A 43 6.72 -0.54 23.88
CA GLU A 43 5.87 -1.35 24.77
CA GLU A 43 5.88 -1.33 24.78
C GLU A 43 4.53 -1.63 24.10
C GLU A 43 4.53 -1.62 24.12
N LEU A 44 3.95 -0.60 23.51
CA LEU A 44 2.67 -0.74 22.80
C LEU A 44 2.77 -1.83 21.75
N LEU A 45 3.81 -1.79 20.91
CA LEU A 45 3.93 -2.81 19.86
C LEU A 45 4.10 -4.20 20.44
N GLN A 46 4.96 -4.31 21.44
CA GLN A 46 5.23 -5.60 22.06
C GLN A 46 3.97 -6.23 22.67
N ILE A 47 3.17 -5.41 23.33
CA ILE A 47 1.95 -5.89 23.97
C ILE A 47 0.95 -6.27 22.88
N ALA A 48 0.78 -5.40 21.89
CA ALA A 48 -0.19 -5.67 20.85
C ALA A 48 0.16 -6.94 20.10
N ALA A 49 1.44 -7.10 19.75
CA ALA A 49 1.88 -8.29 19.03
C ALA A 49 1.69 -9.55 19.90
N SER A 50 1.96 -9.41 21.20
CA SER A 50 1.73 -10.52 22.14
C SER A 50 0.28 -10.97 22.11
N LEU A 51 -0.63 -10.02 22.16
CA LEU A 51 -2.04 -10.33 22.08
C LEU A 51 -2.52 -10.85 20.74
N GLU A 52 -1.90 -10.38 19.65
CA GLU A 52 -2.28 -10.78 18.28
C GLU A 52 -1.54 -11.99 17.72
N ALA A 53 -0.67 -12.57 18.54
CA ALA A 53 0.18 -13.69 18.11
C ALA A 53 -0.59 -14.86 17.47
N ARG A 54 -1.79 -15.17 17.96
CA ARG A 54 -2.51 -16.35 17.48
C ARG A 54 -3.58 -16.04 16.42
N SER A 55 -3.70 -14.76 16.05
CA SER A 55 -4.71 -14.37 15.07
C SER A 55 -4.26 -14.72 13.66
N GLU A 56 -5.24 -14.94 12.80
CA GLU A 56 -5.00 -15.19 11.38
CA GLU A 56 -5.01 -15.18 11.38
C GLU A 56 -5.38 -13.96 10.53
N HIS A 57 -5.89 -12.91 11.17
CA HIS A 57 -6.32 -11.73 10.43
C HIS A 57 -5.07 -11.05 9.88
N PRO A 58 -5.11 -10.59 8.62
CA PRO A 58 -3.95 -9.92 8.02
C PRO A 58 -3.43 -8.71 8.78
N ILE A 59 -4.32 -7.94 9.42
CA ILE A 59 -3.88 -6.78 10.20
C ILE A 59 -3.14 -7.26 11.44
N ALA A 60 -3.69 -8.23 12.15
CA ALA A 60 -2.98 -8.79 13.30
C ALA A 60 -1.59 -9.35 12.89
N ALA A 61 -1.55 -10.05 11.76
CA ALA A 61 -0.29 -10.62 11.27
C ALA A 61 0.73 -9.55 10.98
N ALA A 62 0.29 -8.40 10.48
CA ALA A 62 1.22 -7.34 10.18
C ALA A 62 1.80 -6.72 11.46
N ILE A 63 0.98 -6.67 12.51
CA ILE A 63 1.44 -6.18 13.79
C ILE A 63 2.52 -7.11 14.35
N VAL A 64 2.23 -8.40 14.32
CA VAL A 64 3.19 -9.42 14.75
C VAL A 64 4.48 -9.30 13.94
N GLU A 65 4.35 -9.09 12.63
CA GLU A 65 5.52 -8.97 11.77
C GLU A 65 6.39 -7.75 12.15
N GLU A 66 5.77 -6.65 12.56
CA GLU A 66 6.54 -5.48 12.94
C GLU A 66 7.30 -5.74 14.24
N ALA A 67 6.69 -6.46 15.17
CA ALA A 67 7.43 -6.85 16.34
C ALA A 67 8.61 -7.74 15.99
N GLU A 68 8.45 -8.63 15.01
CA GLU A 68 9.57 -9.48 14.54
CA GLU A 68 9.58 -9.47 14.59
C GLU A 68 10.68 -8.62 13.95
N LYS A 69 10.27 -7.64 13.16
CA LYS A 69 11.23 -6.73 12.50
C LYS A 69 12.07 -5.96 13.53
N ARG A 70 11.45 -5.60 14.64
CA ARG A 70 12.14 -4.85 15.68
C ARG A 70 12.80 -5.73 16.72
N GLY A 71 12.65 -7.05 16.59
CA GLY A 71 13.35 -7.97 17.49
C GLY A 71 12.78 -8.00 18.90
N PHE A 72 11.46 -7.80 19.01
CA PHE A 72 10.73 -7.84 20.29
C PHE A 72 10.13 -9.20 20.57
N GLY A 73 10.57 -9.82 21.66
CA GLY A 73 10.03 -11.08 22.13
C GLY A 73 8.60 -10.88 22.57
N LEU A 74 7.78 -11.91 22.39
CA LEU A 74 6.38 -11.83 22.83
C LEU A 74 6.20 -12.32 24.27
N THR A 75 5.15 -11.81 24.93
CA THR A 75 4.79 -12.24 26.28
C THR A 75 3.64 -13.22 26.25
N GLU A 76 3.71 -14.25 27.11
CA GLU A 76 2.59 -15.15 27.30
C GLU A 76 1.40 -14.34 27.83
N VAL A 77 0.24 -14.47 27.20
CA VAL A 77 -0.95 -13.71 27.58
C VAL A 77 -1.79 -14.57 28.50
N GLU A 78 -2.29 -14.00 29.60
CA GLU A 78 -3.17 -14.70 30.51
C GLU A 78 -4.63 -14.32 30.24
N GLU A 79 -5.53 -15.27 30.48
CA GLU A 79 -6.97 -15.09 30.21
C GLU A 79 -7.26 -14.50 28.82
N PHE A 80 -6.64 -15.09 27.80
CA PHE A 80 -6.86 -14.62 26.44
C PHE A 80 -8.31 -14.86 26.01
N ARG A 81 -8.89 -13.88 25.32
CA ARG A 81 -10.19 -14.03 24.67
C ARG A 81 -10.23 -13.30 23.32
N ALA A 82 -10.74 -13.98 22.29
CA ALA A 82 -11.05 -13.35 21.01
C ALA A 82 -12.54 -13.07 20.95
N ILE A 83 -12.89 -11.82 20.64
CA ILE A 83 -14.27 -11.36 20.63
C ILE A 83 -14.61 -10.88 19.21
N PRO A 84 -15.27 -11.74 18.40
CA PRO A 84 -15.72 -11.29 17.09
C PRO A 84 -16.50 -9.98 17.16
N GLY A 85 -16.26 -9.08 16.22
CA GLY A 85 -16.91 -7.76 16.20
C GLY A 85 -16.24 -6.73 17.10
N LYS A 86 -15.17 -7.12 17.79
CA LYS A 86 -14.42 -6.20 18.66
C LYS A 86 -12.92 -6.33 18.45
N GLY A 87 -12.36 -7.45 18.85
CA GLY A 87 -10.92 -7.70 18.76
C GLY A 87 -10.48 -8.78 19.71
N VAL A 88 -9.36 -8.54 20.39
CA VAL A 88 -8.81 -9.52 21.33
C VAL A 88 -8.45 -8.87 22.65
N GLU A 89 -8.31 -9.71 23.67
CA GLU A 89 -8.14 -9.25 25.03
C GLU A 89 -7.30 -10.24 25.81
N GLY A 90 -6.48 -9.72 26.71
CA GLY A 90 -5.61 -10.55 27.52
C GLY A 90 -5.06 -9.79 28.69
N ILE A 91 -4.59 -10.53 29.70
CA ILE A 91 -3.85 -9.94 30.80
C ILE A 91 -2.36 -10.06 30.51
N VAL A 92 -1.68 -8.91 30.52
CA VAL A 92 -0.22 -8.84 30.46
C VAL A 92 0.25 -7.88 31.56
N ASN A 93 1.20 -8.30 32.38
CA ASN A 93 1.72 -7.46 33.47
C ASN A 93 0.66 -7.04 34.51
N GLY A 94 -0.34 -7.89 34.74
CA GLY A 94 -1.39 -7.60 35.71
C GLY A 94 -2.34 -6.48 35.30
N ARG A 95 -2.31 -6.12 34.01
CA ARG A 95 -3.25 -5.16 33.45
C ARG A 95 -4.04 -5.84 32.34
N ARG A 96 -5.31 -5.47 32.20
CA ARG A 96 -6.15 -5.99 31.15
C ARG A 96 -5.94 -5.16 29.89
N TYR A 97 -5.38 -5.79 28.85
CA TYR A 97 -5.20 -5.14 27.55
C TYR A 97 -6.14 -5.68 26.51
N MET A 98 -6.44 -4.83 25.54
CA MET A 98 -7.21 -5.23 24.38
C MET A 98 -6.59 -4.59 23.17
N VAL A 99 -6.72 -5.28 22.04
CA VAL A 99 -6.47 -4.71 20.74
C VAL A 99 -7.79 -4.78 19.98
N VAL A 100 -8.32 -3.61 19.64
CA VAL A 100 -9.67 -3.50 19.11
C VAL A 100 -9.75 -2.60 17.89
N SER A 101 -10.87 -2.73 17.17
CA SER A 101 -11.14 -1.98 15.96
C SER A 101 -11.77 -0.63 16.31
N PRO A 102 -11.71 0.34 15.38
CA PRO A 102 -12.37 1.62 15.65
C PRO A 102 -13.89 1.46 15.84
N GLY A 103 -14.46 0.48 15.14
CA GLY A 103 -15.88 0.14 15.28
C GLY A 103 -16.25 -0.15 16.73
N TYR A 104 -15.40 -0.91 17.41
CA TYR A 104 -15.58 -1.25 18.82
C TYR A 104 -15.38 -0.06 19.76
N ILE A 105 -14.34 0.74 19.50
CA ILE A 105 -14.13 1.99 20.24
C ILE A 105 -15.39 2.86 20.20
N ARG A 106 -16.02 2.93 19.03
CA ARG A 106 -17.28 3.66 18.88
C ARG A 106 -18.42 2.98 19.66
N GLU A 107 -18.52 1.65 19.57
CA GLU A 107 -19.55 0.88 20.30
C GLU A 107 -19.42 0.94 21.83
N LEU A 108 -18.20 1.15 22.32
CA LEU A 108 -17.95 1.34 23.75
C LEU A 108 -18.12 2.81 24.15
N GLY A 109 -18.40 3.68 23.18
CA GLY A 109 -18.53 5.12 23.43
C GLY A 109 -17.23 5.79 23.84
N ILE A 110 -16.10 5.19 23.45
CA ILE A 110 -14.79 5.66 23.89
C ILE A 110 -14.33 6.79 22.97
N LYS A 111 -13.92 7.90 23.59
N LYS A 111 -13.93 7.91 23.59
CA LYS A 111 -13.42 9.05 22.86
CA LYS A 111 -13.42 9.04 22.85
C LYS A 111 -12.01 8.74 22.37
C LYS A 111 -12.01 8.73 22.36
N THR A 112 -11.65 9.32 21.22
CA THR A 112 -10.33 9.10 20.65
C THR A 112 -9.63 10.45 20.46
N ASP A 113 -8.31 10.44 20.63
CA ASP A 113 -7.52 11.65 20.50
C ASP A 113 -7.72 12.18 19.08
N GLU A 114 -7.81 13.50 18.98
CA GLU A 114 -8.07 14.16 17.72
C GLU A 114 -6.92 13.85 16.73
N SER A 115 -5.72 13.59 17.25
CA SER A 115 -4.57 13.26 16.41
C SER A 115 -4.79 12.05 15.54
N VAL A 116 -5.63 11.12 15.99
CA VAL A 116 -5.86 9.87 15.26
C VAL A 116 -6.54 10.17 13.91
N GLU A 117 -7.30 11.27 13.84
CA GLU A 117 -7.97 11.61 12.59
C GLU A 117 -7.01 11.77 11.42
N LYS A 118 -5.80 12.25 11.67
CA LYS A 118 -4.82 12.41 10.62
C LYS A 118 -4.50 11.08 9.97
N LEU A 119 -4.49 10.02 10.77
CA LEU A 119 -4.16 8.69 10.27
C LEU A 119 -5.32 8.17 9.43
N LYS A 120 -6.54 8.36 9.94
CA LYS A 120 -7.74 7.96 9.19
C LYS A 120 -7.83 8.69 7.85
N GLN A 121 -7.39 9.95 7.82
CA GLN A 121 -7.44 10.77 6.62
C GLN A 121 -6.44 10.35 5.57
N GLN A 122 -5.47 9.55 5.95
CA GLN A 122 -4.53 8.94 5.04
C GLN A 122 -5.02 7.58 4.54
N GLY A 123 -6.20 7.17 5.00
CA GLY A 123 -6.77 5.89 4.62
C GLY A 123 -6.11 4.71 5.32
N LYS A 124 -5.36 5.00 6.37
CA LYS A 124 -4.68 3.95 7.13
C LYS A 124 -5.70 3.19 7.94
N THR A 125 -5.40 1.92 8.19
CA THR A 125 -6.20 1.11 9.07
C THR A 125 -5.64 1.31 10.46
N VAL A 126 -6.49 1.66 11.41
CA VAL A 126 -6.09 2.01 12.75
C VAL A 126 -6.61 0.92 13.70
N VAL A 127 -5.73 0.48 14.59
CA VAL A 127 -6.03 -0.45 15.65
C VAL A 127 -5.79 0.28 16.97
N PHE A 128 -6.69 0.11 17.93
CA PHE A 128 -6.61 0.75 19.23
C PHE A 128 -6.14 -0.27 20.27
N ILE A 129 -5.20 0.15 21.11
CA ILE A 129 -4.76 -0.63 22.26
C ILE A 129 -5.37 0.00 23.50
N LEU A 130 -6.11 -0.79 24.26
CA LEU A 130 -6.69 -0.35 25.52
C LEU A 130 -5.93 -0.98 26.67
N LYS A 131 -5.75 -0.21 27.74
CA LYS A 131 -5.15 -0.67 28.99
C LYS A 131 -6.13 -0.33 30.08
N ASN A 132 -6.64 -1.36 30.76
CA ASN A 132 -7.68 -1.18 31.76
C ASN A 132 -8.82 -0.27 31.28
N GLY A 133 -9.21 -0.46 30.02
CA GLY A 133 -10.37 0.20 29.47
C GLY A 133 -10.11 1.59 28.89
N GLU A 134 -8.87 2.06 28.97
CA GLU A 134 -8.54 3.41 28.47
C GLU A 134 -7.64 3.24 27.27
N VAL A 135 -7.76 4.13 26.29
CA VAL A 135 -6.89 4.06 25.12
C VAL A 135 -5.46 4.39 25.51
N SER A 136 -4.58 3.43 25.27
CA SER A 136 -3.16 3.50 25.58
CA SER A 136 -3.18 3.61 25.60
C SER A 136 -2.38 3.95 24.35
N GLY A 137 -2.92 3.68 23.18
CA GLY A 137 -2.22 3.97 21.94
C GLY A 137 -2.93 3.45 20.73
N VAL A 138 -2.41 3.80 19.55
CA VAL A 138 -2.89 3.25 18.30
C VAL A 138 -1.73 2.78 17.48
N ILE A 139 -1.98 1.76 16.67
CA ILE A 139 -1.08 1.34 15.63
C ILE A 139 -1.79 1.53 14.30
N ALA A 140 -1.16 2.23 13.37
CA ALA A 140 -1.71 2.43 12.02
C ALA A 140 -0.96 1.59 11.00
N LEU A 141 -1.73 1.05 10.04
CA LEU A 141 -1.20 0.20 8.99
C LEU A 141 -1.70 0.64 7.60
N ALA A 142 -0.93 0.29 6.58
CA ALA A 142 -1.28 0.59 5.19
C ALA A 142 -0.69 -0.47 4.30
N ASP A 143 -1.11 -0.48 3.05
CA ASP A 143 -0.36 -1.18 2.02
C ASP A 143 0.79 -0.24 1.67
N ARG A 144 1.93 -0.51 2.30
CA ARG A 144 3.00 0.49 2.29
CA ARG A 144 3.03 0.46 2.30
C ARG A 144 3.62 0.73 0.91
N ILE A 145 4.08 1.95 0.73
CA ILE A 145 4.75 2.37 -0.47
C ILE A 145 6.11 1.70 -0.51
N ARG A 146 6.46 1.15 -1.68
CA ARG A 146 7.74 0.48 -1.89
CA ARG A 146 7.73 0.48 -1.83
C ARG A 146 8.87 1.49 -1.75
N PRO A 147 9.99 1.08 -1.16
CA PRO A 147 11.15 1.95 -1.05
C PRO A 147 11.58 2.58 -2.35
N GLU A 148 11.45 1.81 -3.43
CA GLU A 148 11.88 2.22 -4.76
C GLU A 148 10.94 3.22 -5.46
N SER A 149 9.72 3.36 -4.96
CA SER A 149 8.69 4.08 -5.73
C SER A 149 8.92 5.57 -5.80
N ARG A 150 9.44 6.17 -4.73
CA ARG A 150 9.65 7.63 -4.78
C ARG A 150 10.65 7.98 -5.88
N GLU A 151 11.72 7.21 -5.97
CA GLU A 151 12.73 7.38 -7.03
C GLU A 151 12.19 7.03 -8.41
N ALA A 152 11.35 6.01 -8.51
CA ALA A 152 10.75 5.66 -9.80
C ALA A 152 9.99 6.86 -10.37
N ILE A 153 9.26 7.56 -9.50
CA ILE A 153 8.45 8.70 -9.90
C ILE A 153 9.35 9.90 -10.18
N SER A 154 10.31 10.13 -9.29
CA SER A 154 11.15 11.33 -9.43
C SER A 154 11.96 11.26 -10.74
N LYS A 155 12.48 10.08 -11.07
CA LYS A 155 13.19 9.87 -12.34
C LYS A 155 12.26 10.16 -13.54
N LEU A 156 11.01 9.71 -13.47
CA LEU A 156 10.11 9.95 -14.60
C LEU A 156 9.76 11.43 -14.72
N LYS A 157 9.50 12.09 -13.60
CA LYS A 157 9.18 13.52 -13.64
C LYS A 157 10.36 14.31 -14.18
N ALA A 158 11.58 13.87 -13.85
CA ALA A 158 12.80 14.57 -14.30
C ALA A 158 12.94 14.60 -15.82
N ILE A 159 12.40 13.58 -16.49
CA ILE A 159 12.38 13.53 -17.94
C ILE A 159 11.06 13.96 -18.55
N GLY A 160 10.23 14.65 -17.76
CA GLY A 160 9.05 15.35 -18.27
C GLY A 160 7.82 14.49 -18.42
N ILE A 161 7.87 13.26 -17.90
CA ILE A 161 6.76 12.32 -18.01
C ILE A 161 5.73 12.58 -16.91
N LYS A 162 4.44 12.65 -17.27
CA LYS A 162 3.40 12.81 -16.26
C LYS A 162 3.23 11.46 -15.56
N CYS A 163 3.24 11.46 -14.24
CA CYS A 163 3.17 10.24 -13.44
C CYS A 163 1.83 10.14 -12.78
N MET A 164 1.14 9.03 -13.06
CA MET A 164 -0.22 8.82 -12.59
C MET A 164 -0.36 7.43 -12.02
N MET A 165 -1.49 7.22 -11.38
N MET A 165 -1.42 7.19 -11.25
CA MET A 165 -1.79 5.99 -10.69
CA MET A 165 -1.68 5.85 -10.72
C MET A 165 -3.27 5.74 -10.89
C MET A 165 -3.19 5.69 -10.68
N LEU A 166 -3.64 4.47 -10.98
CA LEU A 166 -5.03 4.08 -10.76
C LEU A 166 -5.06 2.97 -9.73
N THR A 167 -6.20 2.86 -9.06
CA THR A 167 -6.35 1.87 -8.03
C THR A 167 -7.83 1.61 -7.78
N GLY A 168 -8.16 0.41 -7.33
CA GLY A 168 -9.49 0.15 -6.80
C GLY A 168 -9.68 0.59 -5.37
N ASP A 169 -8.58 0.97 -4.73
CA ASP A 169 -8.66 1.44 -3.37
C ASP A 169 -9.41 2.76 -3.28
N ASN A 170 -9.79 3.12 -2.06
CA ASN A 170 -10.57 4.31 -1.84
C ASN A 170 -9.74 5.58 -2.03
N ARG A 171 -10.42 6.72 -2.07
CA ARG A 171 -9.77 7.97 -2.40
C ARG A 171 -8.81 8.47 -1.33
N PHE A 172 -9.02 8.06 -0.08
CA PHE A 172 -8.08 8.42 0.99
C PHE A 172 -6.73 7.74 0.83
N VAL A 173 -6.79 6.44 0.60
CA VAL A 173 -5.56 5.68 0.31
C VAL A 173 -4.88 6.23 -0.95
N ALA A 174 -5.67 6.45 -2.00
CA ALA A 174 -5.12 6.91 -3.26
C ALA A 174 -4.43 8.26 -3.12
N LYS A 175 -5.09 9.18 -2.44
CA LYS A 175 -4.55 10.51 -2.18
C LYS A 175 -3.24 10.45 -1.40
N TRP A 176 -3.20 9.57 -0.39
CA TRP A 176 -2.04 9.43 0.44
C TRP A 176 -0.83 8.96 -0.37
N VAL A 177 -1.02 7.92 -1.17
CA VAL A 177 0.04 7.44 -2.02
C VAL A 177 0.46 8.51 -3.02
N ALA A 178 -0.52 9.17 -3.62
CA ALA A 178 -0.23 10.21 -4.61
C ALA A 178 0.58 11.35 -4.01
N GLU A 179 0.22 11.75 -2.80
CA GLU A 179 0.90 12.86 -2.13
C GLU A 179 2.32 12.46 -1.65
N GLU A 180 2.46 11.23 -1.17
CA GLU A 180 3.78 10.75 -0.77
C GLU A 180 4.73 10.73 -1.95
N LEU A 181 4.21 10.35 -3.12
CA LEU A 181 5.03 10.17 -4.32
C LEU A 181 5.17 11.42 -5.17
N GLY A 182 4.31 12.41 -4.94
CA GLY A 182 4.25 13.60 -5.80
C GLY A 182 3.69 13.31 -7.19
N LEU A 183 2.72 12.42 -7.26
CA LEU A 183 2.10 12.11 -8.54
C LEU A 183 1.41 13.30 -9.18
N ASP A 184 1.40 13.34 -10.51
CA ASP A 184 0.68 14.39 -11.22
C ASP A 184 -0.84 14.22 -11.21
N ASP A 185 -1.31 12.98 -11.20
CA ASP A 185 -2.75 12.69 -11.13
C ASP A 185 -2.96 11.29 -10.59
N TYR A 186 -4.17 11.00 -10.11
CA TYR A 186 -4.48 9.65 -9.66
C TYR A 186 -5.95 9.42 -9.80
N PHE A 187 -6.34 8.15 -9.88
CA PHE A 187 -7.73 7.77 -10.05
C PHE A 187 -8.02 6.68 -9.07
N ALA A 188 -9.01 6.92 -8.21
CA ALA A 188 -9.39 5.97 -7.17
C ALA A 188 -10.68 5.23 -7.53
N GLU A 189 -10.97 4.18 -6.78
CA GLU A 189 -12.22 3.41 -6.93
C GLU A 189 -12.42 2.89 -8.35
N VAL A 190 -11.32 2.54 -9.01
CA VAL A 190 -11.36 2.03 -10.38
C VAL A 190 -11.42 0.51 -10.34
N LEU A 191 -12.56 -0.02 -10.75
CA LEU A 191 -12.76 -1.49 -10.75
C LEU A 191 -11.97 -2.11 -11.91
N PRO A 192 -11.70 -3.42 -11.84
CA PRO A 192 -10.83 -4.05 -12.87
C PRO A 192 -11.25 -3.80 -14.33
N HIS A 193 -12.55 -3.78 -14.59
CA HIS A 193 -13.06 -3.64 -15.97
C HIS A 193 -13.14 -2.17 -16.41
N GLU A 194 -12.79 -1.27 -15.49
CA GLU A 194 -12.77 0.18 -15.74
C GLU A 194 -11.36 0.74 -15.96
N LYS A 195 -10.34 -0.09 -15.79
CA LYS A 195 -8.96 0.37 -15.93
C LYS A 195 -8.62 0.77 -17.35
N ALA A 196 -9.03 -0.04 -18.33
CA ALA A 196 -8.74 0.30 -19.73
C ALA A 196 -9.34 1.66 -20.12
N GLU A 197 -10.52 1.98 -19.59
CA GLU A 197 -11.16 3.25 -19.94
C GLU A 197 -10.41 4.44 -19.36
N LYS A 198 -9.80 4.28 -18.19
N LYS A 198 -9.83 4.26 -18.18
CA LYS A 198 -8.99 5.34 -17.62
CA LYS A 198 -8.98 5.28 -17.56
C LYS A 198 -7.74 5.59 -18.46
C LYS A 198 -7.75 5.57 -18.43
N VAL A 199 -7.12 4.51 -18.95
CA VAL A 199 -5.97 4.66 -19.86
C VAL A 199 -6.39 5.48 -21.07
N LYS A 200 -7.55 5.13 -21.63
CA LYS A 200 -8.07 5.82 -22.81
C LYS A 200 -8.29 7.32 -22.52
N GLU A 201 -8.80 7.64 -21.34
CA GLU A 201 -8.99 9.05 -20.94
CA GLU A 201 -9.00 9.05 -20.93
C GLU A 201 -7.68 9.83 -20.92
N VAL A 202 -6.61 9.21 -20.39
CA VAL A 202 -5.29 9.85 -20.33
C VAL A 202 -4.72 10.01 -21.77
N GLN A 203 -5.03 9.06 -22.65
CA GLN A 203 -4.56 9.05 -24.04
C GLN A 203 -5.21 10.14 -24.88
N GLN A 204 -6.26 10.75 -24.35
CA GLN A 204 -6.86 11.93 -24.99
C GLN A 204 -5.83 13.07 -25.05
N LYS A 205 -4.85 13.05 -24.15
CA LYS A 205 -3.79 14.06 -24.11
C LYS A 205 -2.38 13.54 -24.36
N TYR A 206 -2.11 12.29 -23.99
CA TYR A 206 -0.73 11.80 -23.89
C TYR A 206 -0.51 10.44 -24.54
N VAL A 207 0.68 10.28 -25.11
CA VAL A 207 1.18 8.96 -25.45
C VAL A 207 1.44 8.30 -24.08
N THR A 208 0.77 7.20 -23.80
CA THR A 208 0.61 6.69 -22.43
C THR A 208 1.09 5.27 -22.26
N ALA A 209 1.82 5.03 -21.18
CA ALA A 209 2.17 3.68 -20.74
C ALA A 209 1.27 3.27 -19.58
N MET A 210 0.93 1.99 -19.54
CA MET A 210 0.29 1.38 -18.38
C MET A 210 1.27 0.37 -17.80
N VAL A 211 1.43 0.42 -16.47
CA VAL A 211 2.33 -0.46 -15.77
C VAL A 211 1.51 -1.23 -14.76
N GLY A 212 1.56 -2.55 -14.87
CA GLY A 212 0.77 -3.41 -14.03
C GLY A 212 0.98 -4.90 -14.26
N ASP A 213 0.07 -5.72 -13.72
N ASP A 213 -0.02 -5.66 -13.82
CA ASP A 213 0.19 -7.17 -13.85
CA ASP A 213 -0.02 -7.10 -13.88
C ASP A 213 -0.35 -7.62 -15.21
C ASP A 213 -0.40 -7.61 -15.28
N GLY A 214 0.51 -8.32 -15.94
CA GLY A 214 0.22 -8.79 -17.29
C GLY A 214 -0.96 -9.74 -17.38
N VAL A 215 -1.27 -10.40 -16.27
CA VAL A 215 -2.38 -11.35 -16.25
C VAL A 215 -3.67 -10.66 -15.82
N ASN A 216 -3.63 -9.98 -14.69
CA ASN A 216 -4.82 -9.34 -14.13
C ASN A 216 -5.27 -8.10 -14.90
N ASP A 217 -4.31 -7.31 -15.36
CA ASP A 217 -4.56 -5.99 -15.94
C ASP A 217 -4.36 -6.02 -17.47
N ALA A 218 -4.61 -7.18 -18.09
CA ALA A 218 -4.38 -7.34 -19.52
C ALA A 218 -5.04 -6.27 -20.38
N PRO A 219 -6.33 -5.97 -20.15
CA PRO A 219 -7.01 -5.00 -21.01
C PRO A 219 -6.41 -3.59 -20.96
N ALA A 220 -6.03 -3.12 -19.77
CA ALA A 220 -5.44 -1.78 -19.65
C ALA A 220 -4.09 -1.71 -20.34
N LEU A 221 -3.29 -2.77 -20.21
CA LEU A 221 -1.96 -2.81 -20.87
C LEU A 221 -2.12 -2.79 -22.39
N ALA A 222 -3.15 -3.49 -22.86
CA ALA A 222 -3.46 -3.52 -24.28
C ALA A 222 -3.92 -2.17 -24.81
N GLN A 223 -4.68 -1.44 -24.01
CA GLN A 223 -5.16 -0.10 -24.41
C GLN A 223 -4.03 0.91 -24.48
N ALA A 224 -3.06 0.79 -23.57
CA ALA A 224 -1.92 1.69 -23.53
C ALA A 224 -1.14 1.70 -24.83
N ASP A 225 -0.42 2.79 -25.06
CA ASP A 225 0.51 2.86 -26.18
C ASP A 225 1.69 1.93 -25.93
N VAL A 226 2.13 1.85 -24.69
CA VAL A 226 3.11 0.86 -24.26
C VAL A 226 2.60 0.20 -22.99
N GLY A 227 2.34 -1.10 -23.08
CA GLY A 227 1.84 -1.89 -21.96
C GLY A 227 3.05 -2.52 -21.31
N ILE A 228 3.32 -2.16 -20.06
CA ILE A 228 4.45 -2.72 -19.34
C ILE A 228 3.93 -3.62 -18.23
N ALA A 229 4.17 -4.92 -18.41
CA ALA A 229 3.87 -5.90 -17.39
C ALA A 229 5.07 -5.97 -16.46
N ILE A 230 4.80 -5.79 -15.18
CA ILE A 230 5.87 -5.72 -14.20
C ILE A 230 5.71 -6.86 -13.21
N GLY A 231 6.81 -7.31 -12.63
CA GLY A 231 6.80 -8.44 -11.70
C GLY A 231 6.23 -9.70 -12.32
N ALA A 232 6.56 -9.96 -13.58
CA ALA A 232 5.97 -11.05 -14.34
C ALA A 232 6.53 -12.39 -13.91
N GLY A 233 7.75 -12.39 -13.37
CA GLY A 233 8.42 -13.64 -13.02
C GLY A 233 8.94 -14.35 -14.26
N THR A 234 9.39 -15.59 -14.06
CA THR A 234 9.95 -16.39 -15.15
C THR A 234 9.21 -17.73 -15.31
N ASP A 235 7.97 -17.78 -14.82
CA ASP A 235 7.15 -18.98 -14.91
C ASP A 235 6.05 -18.83 -15.96
N VAL A 236 5.14 -17.88 -15.71
CA VAL A 236 4.05 -17.55 -16.62
C VAL A 236 4.56 -16.54 -17.62
N ALA A 237 4.67 -16.94 -18.88
CA ALA A 237 5.00 -15.99 -19.93
C ALA A 237 3.82 -15.03 -20.12
N VAL A 238 4.09 -13.74 -20.14
CA VAL A 238 3.09 -12.75 -20.49
C VAL A 238 3.19 -12.49 -21.98
N GLU A 239 2.37 -13.19 -22.76
CA GLU A 239 2.44 -13.12 -24.21
C GLU A 239 1.85 -11.83 -24.77
N THR A 240 0.99 -11.18 -23.97
CA THR A 240 0.14 -10.08 -24.45
C THR A 240 0.64 -8.64 -24.16
N ALA A 241 1.55 -8.45 -23.21
CA ALA A 241 2.10 -7.11 -22.90
C ALA A 241 3.21 -6.73 -23.89
N ASP A 242 3.43 -5.44 -24.08
CA ASP A 242 4.45 -4.96 -25.04
C ASP A 242 5.86 -5.18 -24.53
N ILE A 243 6.06 -4.82 -23.26
CA ILE A 243 7.33 -5.04 -22.59
C ILE A 243 7.00 -5.75 -21.30
N VAL A 244 7.79 -6.75 -20.97
CA VAL A 244 7.59 -7.50 -19.74
C VAL A 244 8.82 -7.37 -18.88
N LEU A 245 8.63 -6.91 -17.64
CA LEU A 245 9.70 -6.84 -16.67
C LEU A 245 9.58 -8.02 -15.74
N VAL A 246 10.63 -8.82 -15.67
CA VAL A 246 10.65 -10.04 -14.87
C VAL A 246 10.51 -9.71 -13.38
N ARG A 247 11.35 -8.81 -12.89
CA ARG A 247 11.27 -8.36 -11.51
C ARG A 247 10.28 -7.21 -11.38
N ASN A 248 10.11 -6.76 -10.14
CA ASN A 248 9.07 -5.85 -9.74
C ASN A 248 9.71 -4.57 -9.18
N ASP A 249 10.35 -3.78 -10.03
CA ASP A 249 11.06 -2.56 -9.60
C ASP A 249 10.57 -1.41 -10.47
N PRO A 250 9.74 -0.50 -9.90
CA PRO A 250 9.14 0.52 -10.76
C PRO A 250 10.13 1.52 -11.38
N ARG A 251 11.35 1.56 -10.86
CA ARG A 251 12.38 2.43 -11.40
C ARG A 251 12.81 1.98 -12.79
N ASP A 252 12.53 0.73 -13.13
CA ASP A 252 12.85 0.21 -14.47
C ASP A 252 12.05 0.88 -15.57
N VAL A 253 10.90 1.49 -15.26
CA VAL A 253 10.14 2.22 -16.29
C VAL A 253 10.94 3.43 -16.81
N ALA A 254 11.47 4.24 -15.89
CA ALA A 254 12.34 5.34 -16.31
C ALA A 254 13.55 4.79 -17.07
N ALA A 255 14.08 3.66 -16.63
CA ALA A 255 15.26 3.09 -17.30
C ALA A 255 14.99 2.74 -18.77
N ILE A 256 13.79 2.22 -19.05
CA ILE A 256 13.37 1.91 -20.40
C ILE A 256 13.24 3.18 -21.27
N VAL A 257 12.56 4.19 -20.73
CA VAL A 257 12.38 5.43 -21.48
C VAL A 257 13.72 6.10 -21.73
N GLU A 258 14.54 6.22 -20.69
CA GLU A 258 15.84 6.90 -20.83
C GLU A 258 16.75 6.21 -21.86
N LEU A 259 16.79 4.88 -21.82
CA LEU A 259 17.63 4.16 -22.81
C LEU A 259 17.05 4.26 -24.20
N SER A 260 15.73 4.17 -24.33
CA SER A 260 15.07 4.36 -25.62
C SER A 260 15.37 5.73 -26.21
N ARG A 261 15.42 6.77 -25.36
CA ARG A 261 15.73 8.12 -25.84
C ARG A 261 17.18 8.28 -26.31
N LYS A 262 18.05 7.35 -25.90
CA LYS A 262 19.45 7.34 -26.36
C LYS A 262 19.68 6.53 -27.64
N THR A 263 18.66 5.83 -28.13
CA THR A 263 18.87 4.76 -29.10
C THR A 263 17.80 4.65 -30.19
N TYR A 264 18.19 4.02 -31.30
CA TYR A 264 17.22 3.48 -32.25
C TYR A 264 17.73 2.20 -32.90
N SER A 265 16.83 1.45 -33.51
CA SER A 265 17.12 0.10 -34.02
C SER A 265 16.48 -0.11 -35.39
C ACT B . -6.87 -6.18 14.44
O ACT B . -5.69 -6.08 14.84
OXT ACT B . -7.25 -7.33 14.11
CH3 ACT B . -7.79 -4.98 14.34
C ACT C . -17.09 2.41 -8.92
O ACT C . -17.86 3.27 -9.38
OXT ACT C . -16.02 2.25 -9.56
CH3 ACT C . -17.43 1.62 -7.69
#